data_8TEZ
#
_entry.id   8TEZ
#
_cell.length_a   48.713
_cell.length_b   76.064
_cell.length_c   85.759
_cell.angle_alpha   90.00
_cell.angle_beta   98.69
_cell.angle_gamma   90.00
#
_symmetry.space_group_name_H-M   'P 1 21 1'
#
loop_
_entity.id
_entity.type
_entity.pdbx_description
1 polymer 'Pyridoxine 4-dehydrogenase'
2 non-polymer 'NADP NICOTINAMIDE-ADENINE-DINUCLEOTIDE PHOSPHATE'
3 non-polymer 'MAGNESIUM ION'
4 water water
#
_entity_poly.entity_id   1
_entity_poly.type   'polypeptide(L)'
_entity_poly.pdbx_seq_one_letter_code
;MGSSHHHHHHSSGLVPRGSHMSSNTFTLGTKSVNRLGYGAMQLAGPGVFGPPRDRHVAITVLREALALGVNHIDTSDFYG
PHVTNQIIREALYPYSDDLTIVTKIGARRGEDASWLPAFSPAELQKAVHDNLRNLGLDVLDVVNLRVMMGDGHGPAEGSI
EASLTVLAEMQQQGLVKHIGLSNVTPTQVAEARKIAEIVCVQNEYNIAHRADDAMIDALAHDGIAYVPFFPLGGFTPLQS
STLSDVAASLGATPMQVALAWLLQRSPNILLIPGTSSVAHLRENMAAEKLHLSEEVLSTLDGISRE
;
_entity_poly.pdbx_strand_id   A,B
#
loop_
_chem_comp.id
_chem_comp.type
_chem_comp.name
_chem_comp.formula
MG non-polymer 'MAGNESIUM ION' 'Mg 2'
NAP non-polymer 'NADP NICOTINAMIDE-ADENINE-DINUCLEOTIDE PHOSPHATE' 'C21 H28 N7 O17 P3'
#
# COMPACT_ATOMS: atom_id res chain seq x y z
N ASN A 24 -12.43 -15.85 -3.87
CA ASN A 24 -11.09 -15.69 -4.42
C ASN A 24 -10.12 -15.15 -3.36
N THR A 25 -9.33 -14.12 -3.69
CA THR A 25 -8.27 -13.69 -2.79
C THR A 25 -8.33 -12.22 -2.38
N PHE A 26 -7.55 -11.89 -1.36
CA PHE A 26 -7.37 -10.52 -0.89
C PHE A 26 -5.99 -10.36 -0.30
N THR A 27 -5.38 -9.20 -0.52
CA THR A 27 -4.09 -8.92 0.05
C THR A 27 -4.28 -8.27 1.41
N LEU A 28 -4.05 -9.07 2.46
CA LEU A 28 -4.15 -8.61 3.83
C LEU A 28 -2.75 -8.28 4.34
N GLY A 29 -2.49 -7.00 4.58
CA GLY A 29 -1.13 -6.57 4.85
C GLY A 29 -0.31 -6.77 3.59
N THR A 30 0.71 -7.63 3.65
CA THR A 30 1.51 -7.97 2.49
C THR A 30 1.33 -9.42 2.01
N LYS A 31 0.38 -10.13 2.60
CA LYS A 31 0.16 -11.52 2.22
C LYS A 31 -1.25 -11.73 1.64
N SER A 32 -1.31 -12.41 0.50
CA SER A 32 -2.59 -12.72 -0.11
C SER A 32 -3.28 -13.82 0.71
N VAL A 33 -4.57 -13.68 0.97
CA VAL A 33 -5.30 -14.70 1.70
C VAL A 33 -6.54 -15.14 0.92
N ASN A 34 -6.84 -16.44 0.96
CA ASN A 34 -8.11 -16.98 0.47
C ASN A 34 -9.22 -16.41 1.33
N ARG A 35 -10.25 -15.85 0.71
CA ARG A 35 -11.27 -15.13 1.46
C ARG A 35 -12.12 -16.08 2.31
N LEU A 36 -12.05 -17.38 2.03
CA LEU A 36 -12.64 -18.37 2.92
C LEU A 36 -11.57 -18.88 3.89
N GLY A 37 -11.61 -18.37 5.11
CA GLY A 37 -10.61 -18.69 6.12
C GLY A 37 -11.25 -19.52 7.21
N TYR A 38 -10.59 -19.58 8.35
CA TYR A 38 -11.05 -20.42 9.45
C TYR A 38 -11.00 -19.71 10.79
N GLY A 39 -12.14 -19.63 11.47
CA GLY A 39 -12.17 -19.12 12.83
C GLY A 39 -11.90 -20.23 13.83
N ALA A 40 -10.98 -20.01 14.75
CA ALA A 40 -10.51 -21.09 15.61
C ALA A 40 -11.24 -21.14 16.94
N MET A 41 -12.28 -20.31 17.08
CA MET A 41 -12.97 -20.16 18.37
C MET A 41 -13.75 -21.38 18.84
N GLN A 42 -14.02 -22.34 17.96
CA GLN A 42 -14.70 -23.56 18.42
C GLN A 42 -13.72 -24.63 18.93
N LEU A 43 -12.42 -24.43 18.75
CA LEU A 43 -11.44 -25.38 19.30
C LEU A 43 -11.14 -25.08 20.77
N ALA A 44 -12.17 -25.18 21.59
CA ALA A 44 -12.07 -24.91 23.02
C ALA A 44 -13.37 -25.39 23.67
N GLY A 45 -13.42 -25.39 24.99
CA GLY A 45 -14.63 -25.80 25.69
C GLY A 45 -15.77 -24.83 25.52
N PRO A 46 -16.91 -25.10 26.19
CA PRO A 46 -18.09 -24.24 26.06
C PRO A 46 -17.85 -22.84 26.59
N GLY A 47 -18.26 -21.83 25.83
CA GLY A 47 -17.98 -20.46 26.18
C GLY A 47 -16.51 -20.15 25.90
N VAL A 48 -15.95 -20.85 24.91
CA VAL A 48 -14.55 -20.73 24.52
C VAL A 48 -13.64 -20.80 25.75
N PHE A 49 -13.97 -21.70 26.68
CA PHE A 49 -13.25 -21.80 27.94
C PHE A 49 -12.93 -23.24 28.27
N GLY A 50 -11.69 -23.50 28.65
CA GLY A 50 -11.24 -24.86 28.90
C GLY A 50 -10.91 -25.53 27.58
N PRO A 51 -10.44 -26.79 27.65
CA PRO A 51 -10.08 -27.59 26.49
C PRO A 51 -11.29 -27.95 25.61
N PRO A 52 -11.06 -28.27 24.33
CA PRO A 52 -12.18 -28.63 23.46
C PRO A 52 -12.74 -30.00 23.82
N ARG A 53 -13.93 -30.31 23.30
CA ARG A 53 -14.56 -31.62 23.46
C ARG A 53 -13.54 -32.75 23.26
N ASP A 54 -12.85 -32.68 22.13
CA ASP A 54 -11.98 -33.75 21.66
C ASP A 54 -10.75 -33.07 21.01
N ARG A 55 -9.57 -33.15 21.63
CA ARG A 55 -8.40 -32.45 21.10
C ARG A 55 -7.98 -32.99 19.73
N HIS A 56 -8.16 -34.29 19.54
CA HIS A 56 -7.84 -34.97 18.29
C HIS A 56 -8.63 -34.43 17.13
N VAL A 57 -9.92 -34.20 17.34
CA VAL A 57 -10.77 -33.73 16.25
C VAL A 57 -10.40 -32.29 15.91
N ALA A 58 -10.06 -31.50 16.93
CA ALA A 58 -9.53 -30.14 16.74
C ALA A 58 -8.30 -30.11 15.84
N ILE A 59 -7.34 -31.01 16.12
CA ILE A 59 -6.15 -31.13 15.29
C ILE A 59 -6.51 -31.53 13.87
N THR A 60 -7.38 -32.52 13.72
CA THR A 60 -7.80 -32.98 12.40
C THR A 60 -8.44 -31.83 11.61
N VAL A 61 -9.36 -31.11 12.25
CA VAL A 61 -10.03 -29.96 11.61
C VAL A 61 -9.02 -28.92 11.09
N LEU A 62 -8.04 -28.54 11.89
CA LEU A 62 -7.01 -27.57 11.46
C LEU A 62 -6.22 -28.03 10.25
N ARG A 63 -5.82 -29.30 10.27
CA ARG A 63 -5.01 -29.84 9.20
C ARG A 63 -5.81 -29.96 7.90
N GLU A 64 -7.06 -30.38 8.01
CA GLU A 64 -7.94 -30.47 6.84
C GLU A 64 -8.23 -29.10 6.24
N ALA A 65 -8.38 -28.09 7.09
CA ALA A 65 -8.60 -26.73 6.63
C ALA A 65 -7.47 -26.26 5.71
N LEU A 66 -6.23 -26.44 6.15
CA LEU A 66 -5.08 -26.12 5.30
C LEU A 66 -5.14 -26.89 4.00
N ALA A 67 -5.36 -28.20 4.11
CA ALA A 67 -5.47 -29.10 2.97
C ALA A 67 -6.55 -28.65 2.00
N LEU A 68 -7.62 -28.05 2.54
CA LEU A 68 -8.71 -27.54 1.73
C LEU A 68 -8.43 -26.16 1.13
N GLY A 69 -7.24 -25.62 1.37
CA GLY A 69 -6.90 -24.32 0.85
C GLY A 69 -7.01 -23.13 1.80
N VAL A 70 -7.36 -23.36 3.06
CA VAL A 70 -7.36 -22.25 4.02
C VAL A 70 -5.94 -21.75 4.23
N ASN A 71 -5.73 -20.44 4.20
CA ASN A 71 -4.43 -19.88 4.58
C ASN A 71 -4.60 -18.62 5.46
N HIS A 72 -5.77 -18.49 6.08
CA HIS A 72 -6.03 -17.41 7.03
C HIS A 72 -6.74 -18.02 8.24
N ILE A 73 -6.09 -17.96 9.40
CA ILE A 73 -6.70 -18.48 10.63
C ILE A 73 -6.88 -17.35 11.64
N ASP A 74 -8.08 -17.22 12.19
CA ASP A 74 -8.35 -16.24 13.21
C ASP A 74 -8.38 -16.85 14.59
N THR A 75 -7.65 -16.27 15.52
CA THR A 75 -7.53 -16.88 16.83
C THR A 75 -7.36 -15.84 17.93
N SER A 76 -7.21 -16.33 19.16
CA SER A 76 -6.91 -15.48 20.29
C SER A 76 -6.28 -16.28 21.40
N ASP A 77 -5.42 -15.66 22.19
CA ASP A 77 -4.85 -16.36 23.33
C ASP A 77 -5.80 -16.34 24.52
N PHE A 78 -6.82 -15.50 24.49
CA PHE A 78 -7.79 -15.62 25.56
C PHE A 78 -8.92 -16.60 25.17
N TYR A 79 -8.70 -17.40 24.13
CA TYR A 79 -9.62 -18.52 23.87
C TYR A 79 -9.22 -19.73 24.69
N GLY A 80 -10.07 -20.10 25.65
CA GLY A 80 -9.86 -21.25 26.49
C GLY A 80 -8.69 -21.05 27.43
N PRO A 81 -8.38 -19.80 27.74
CA PRO A 81 -7.03 -19.23 27.87
C PRO A 81 -5.96 -20.13 27.25
N HIS A 82 -5.24 -19.61 26.26
CA HIS A 82 -4.02 -20.26 25.74
C HIS A 82 -4.20 -21.57 24.95
N VAL A 83 -5.17 -22.40 25.31
CA VAL A 83 -5.16 -23.75 24.76
C VAL A 83 -5.45 -23.76 23.27
N THR A 84 -6.28 -22.83 22.79
CA THR A 84 -6.60 -22.81 21.38
C THR A 84 -5.33 -22.55 20.56
N ASN A 85 -4.53 -21.56 20.97
CA ASN A 85 -3.24 -21.32 20.34
C ASN A 85 -2.30 -22.53 20.38
N GLN A 86 -2.27 -23.24 21.51
CA GLN A 86 -1.41 -24.42 21.68
C GLN A 86 -1.81 -25.57 20.75
N ILE A 87 -3.10 -25.65 20.45
CA ILE A 87 -3.62 -26.68 19.58
C ILE A 87 -3.19 -26.37 18.15
N ILE A 88 -3.30 -25.10 17.78
CA ILE A 88 -2.88 -24.64 16.45
C ILE A 88 -1.40 -24.96 16.26
N ARG A 89 -0.60 -24.68 17.29
CA ARG A 89 0.82 -25.04 17.24
C ARG A 89 1.03 -26.56 17.11
N GLU A 90 0.41 -27.34 17.99
CA GLU A 90 0.60 -28.77 17.94
C GLU A 90 0.20 -29.30 16.56
N ALA A 91 -0.83 -28.71 15.96
CA ALA A 91 -1.38 -29.23 14.71
C ALA A 91 -0.64 -28.78 13.45
N LEU A 92 -0.09 -27.56 13.46
CA LEU A 92 0.38 -26.96 12.22
C LEU A 92 1.83 -26.44 12.22
N TYR A 93 2.45 -26.30 13.39
CA TYR A 93 3.85 -25.89 13.37
C TYR A 93 4.70 -27.05 12.85
N PRO A 94 5.66 -26.74 11.96
CA PRO A 94 6.02 -25.41 11.44
C PRO A 94 5.11 -24.94 10.31
N TYR A 95 4.74 -23.66 10.34
CA TYR A 95 3.69 -23.14 9.47
C TYR A 95 4.18 -22.90 8.05
N SER A 96 3.34 -23.21 7.06
CA SER A 96 3.58 -22.77 5.69
C SER A 96 3.85 -21.28 5.72
N ASP A 97 4.62 -20.71 4.81
CA ASP A 97 4.77 -19.27 4.89
C ASP A 97 3.65 -18.58 4.07
N ASP A 98 2.75 -19.38 3.52
CA ASP A 98 1.53 -18.91 2.87
C ASP A 98 0.48 -18.57 3.95
N LEU A 99 0.66 -19.10 5.15
CA LEU A 99 -0.31 -19.00 6.23
C LEU A 99 -0.25 -17.66 6.97
N THR A 100 -1.41 -17.03 7.14
CA THR A 100 -1.54 -15.87 8.02
C THR A 100 -2.31 -16.24 9.28
N ILE A 101 -1.69 -16.03 10.44
CA ILE A 101 -2.44 -16.18 11.68
C ILE A 101 -2.73 -14.80 12.18
N VAL A 102 -4.01 -14.51 12.33
CA VAL A 102 -4.48 -13.27 12.92
C VAL A 102 -4.96 -13.52 14.34
N THR A 103 -4.49 -12.74 15.30
CA THR A 103 -4.94 -12.91 16.68
C THR A 103 -5.44 -11.59 17.23
N LYS A 104 -6.09 -11.62 18.40
CA LYS A 104 -6.69 -10.42 18.96
C LYS A 104 -6.41 -10.26 20.44
N ILE A 105 -6.19 -9.01 20.86
CA ILE A 105 -5.92 -8.70 22.24
C ILE A 105 -6.87 -7.62 22.72
N GLY A 106 -6.96 -7.44 24.04
CA GLY A 106 -7.78 -6.38 24.60
C GLY A 106 -8.76 -6.88 25.65
N ALA A 107 -8.91 -8.19 25.74
CA ALA A 107 -9.75 -8.77 26.78
C ALA A 107 -8.97 -9.84 27.57
N ARG A 108 -9.38 -10.09 28.82
CA ARG A 108 -8.86 -11.25 29.53
C ARG A 108 -10.03 -12.11 30.03
N ARG A 109 -9.72 -13.36 30.37
CA ARG A 109 -10.75 -14.29 30.80
C ARG A 109 -10.77 -14.41 32.32
N GLY A 110 -11.95 -14.21 32.91
CA GLY A 110 -12.14 -14.58 34.30
C GLY A 110 -12.04 -16.10 34.40
N GLU A 111 -11.70 -16.61 35.56
CA GLU A 111 -11.67 -18.06 35.78
C GLU A 111 -13.09 -18.65 35.90
N ASP A 112 -14.09 -17.77 35.81
CA ASP A 112 -15.50 -18.14 35.67
C ASP A 112 -15.96 -17.99 34.21
N ALA A 113 -15.01 -18.17 33.29
CA ALA A 113 -15.24 -18.04 31.84
C ALA A 113 -15.58 -16.62 31.38
N SER A 114 -15.63 -15.67 32.32
CA SER A 114 -16.05 -14.31 31.99
C SER A 114 -15.02 -13.60 31.09
N TRP A 115 -15.48 -12.64 30.30
CA TRP A 115 -14.61 -11.81 29.49
C TRP A 115 -14.51 -10.39 30.10
N LEU A 116 -13.29 -9.94 30.32
CA LEU A 116 -13.08 -8.67 31.01
C LEU A 116 -12.07 -7.80 30.24
N PRO A 117 -12.20 -6.47 30.35
CA PRO A 117 -11.25 -5.49 29.81
C PRO A 117 -9.81 -5.72 30.26
N ALA A 118 -8.90 -5.73 29.30
CA ALA A 118 -7.51 -6.00 29.58
C ALA A 118 -6.66 -5.17 28.65
N PHE A 119 -6.68 -3.86 28.83
CA PHE A 119 -5.93 -3.02 27.91
C PHE A 119 -4.96 -2.03 28.56
N SER A 120 -4.49 -2.30 29.77
CA SER A 120 -3.35 -1.55 30.29
C SER A 120 -2.11 -1.97 29.50
N PRO A 121 -1.11 -1.07 29.38
CA PRO A 121 0.11 -1.41 28.64
C PRO A 121 0.71 -2.75 29.07
N ALA A 122 0.69 -3.01 30.38
CA ALA A 122 1.23 -4.25 30.90
C ALA A 122 0.47 -5.46 30.36
N GLU A 123 -0.87 -5.35 30.34
CA GLU A 123 -1.72 -6.44 29.86
C GLU A 123 -1.60 -6.68 28.34
N LEU A 124 -1.58 -5.60 27.56
CA LEU A 124 -1.45 -5.75 26.10
C LEU A 124 -0.08 -6.30 25.77
N GLN A 125 0.94 -5.91 26.52
CA GLN A 125 2.30 -6.40 26.23
C GLN A 125 2.40 -7.88 26.59
N LYS A 126 1.74 -8.28 27.68
CA LYS A 126 1.75 -9.67 28.12
C LYS A 126 0.95 -10.53 27.16
N ALA A 127 -0.17 -10.00 26.70
CA ALA A 127 -0.98 -10.68 25.70
C ALA A 127 -0.16 -10.91 24.42
N VAL A 128 0.55 -9.89 23.96
CA VAL A 128 1.33 -10.10 22.73
C VAL A 128 2.38 -11.21 22.92
N HIS A 129 3.03 -11.24 24.07
CA HIS A 129 4.03 -12.27 24.27
C HIS A 129 3.41 -13.65 24.49
N ASP A 130 2.26 -13.69 25.15
CA ASP A 130 1.55 -14.96 25.34
C ASP A 130 1.27 -15.60 23.99
N ASN A 131 0.75 -14.81 23.05
CA ASN A 131 0.54 -15.29 21.68
C ASN A 131 1.81 -15.83 21.06
N LEU A 132 2.91 -15.11 21.27
CA LEU A 132 4.17 -15.44 20.65
C LEU A 132 4.61 -16.83 21.08
N ARG A 133 4.57 -17.06 22.40
CA ARG A 133 4.96 -18.33 23.00
C ARG A 133 4.04 -19.49 22.62
N ASN A 134 2.74 -19.29 22.76
CA ASN A 134 1.80 -20.39 22.56
C ASN A 134 1.67 -20.77 21.08
N LEU A 135 1.92 -19.81 20.20
CA LEU A 135 1.89 -20.12 18.77
C LEU A 135 3.27 -20.53 18.27
N GLY A 136 4.29 -20.36 19.11
CA GLY A 136 5.65 -20.61 18.68
C GLY A 136 6.10 -19.72 17.52
N LEU A 137 5.83 -18.41 17.62
CA LEU A 137 6.22 -17.46 16.57
C LEU A 137 7.25 -16.44 17.08
N ASP A 138 7.92 -15.76 16.16
CA ASP A 138 8.87 -14.69 16.50
C ASP A 138 8.25 -13.32 16.24
N VAL A 139 7.26 -13.29 15.36
CA VAL A 139 6.48 -12.09 15.13
C VAL A 139 5.05 -12.49 14.78
N LEU A 140 4.10 -11.67 15.20
CA LEU A 140 2.69 -11.86 14.86
C LEU A 140 2.36 -11.16 13.55
N ASP A 141 1.69 -11.86 12.63
CA ASP A 141 1.28 -11.26 11.37
C ASP A 141 0.39 -10.06 11.57
N VAL A 142 -0.73 -10.30 12.23
CA VAL A 142 -1.73 -9.29 12.43
C VAL A 142 -2.27 -9.37 13.84
N VAL A 143 -2.32 -8.24 14.54
CA VAL A 143 -2.96 -8.20 15.84
C VAL A 143 -4.18 -7.28 15.85
N ASN A 144 -5.36 -7.84 16.08
CA ASN A 144 -6.58 -7.06 16.24
C ASN A 144 -6.63 -6.47 17.62
N LEU A 145 -6.82 -5.16 17.73
CA LEU A 145 -7.09 -4.54 19.04
C LEU A 145 -8.59 -4.61 19.27
N ARG A 146 -9.02 -5.32 20.30
CA ARG A 146 -10.45 -5.52 20.49
C ARG A 146 -11.04 -4.53 21.50
N VAL A 147 -11.79 -3.57 20.98
CA VAL A 147 -12.42 -2.50 21.74
C VAL A 147 -13.64 -2.96 22.56
N MET A 148 -13.80 -2.40 23.76
CA MET A 148 -15.00 -2.56 24.59
C MET A 148 -15.32 -1.25 25.33
N MET A 149 -16.35 -0.54 24.88
CA MET A 149 -16.79 0.68 25.59
C MET A 149 -18.25 0.56 26.03
N GLY A 150 -18.55 1.08 27.22
CA GLY A 150 -19.90 1.03 27.74
C GLY A 150 -20.23 -0.29 28.42
N ASP A 151 -21.51 -0.44 28.77
CA ASP A 151 -21.99 -1.63 29.48
C ASP A 151 -22.71 -2.62 28.56
N GLY A 152 -22.96 -2.23 27.31
CA GLY A 152 -23.50 -3.15 26.31
C GLY A 152 -22.43 -4.15 25.86
N HIS A 153 -22.43 -4.51 24.58
CA HIS A 153 -21.38 -5.38 24.09
C HIS A 153 -20.70 -4.84 22.83
N GLY A 154 -21.50 -4.31 21.91
CA GLY A 154 -21.01 -3.99 20.58
C GLY A 154 -20.25 -2.69 20.49
N PRO A 155 -20.26 -2.07 19.31
CA PRO A 155 -19.58 -0.81 19.02
C PRO A 155 -20.11 0.37 19.86
N ALA A 156 -19.19 1.13 20.47
CA ALA A 156 -19.54 2.32 21.26
C ALA A 156 -18.43 3.35 21.21
N GLU A 157 -18.80 4.63 21.26
CA GLU A 157 -17.83 5.72 21.13
C GLU A 157 -16.91 5.91 22.35
N GLY A 158 -15.67 6.31 22.07
CA GLY A 158 -14.66 6.53 23.09
C GLY A 158 -13.27 6.45 22.47
N SER A 159 -12.32 7.22 22.98
CA SER A 159 -10.97 7.23 22.42
C SER A 159 -10.22 5.93 22.69
N ILE A 160 -9.52 5.46 21.67
CA ILE A 160 -8.77 4.23 21.74
C ILE A 160 -7.29 4.50 21.59
N GLU A 161 -6.91 5.78 21.65
CA GLU A 161 -5.52 6.17 21.39
C GLU A 161 -4.51 5.44 22.25
N ALA A 162 -4.78 5.36 23.55
CA ALA A 162 -3.84 4.77 24.51
C ALA A 162 -3.47 3.31 24.18
N SER A 163 -4.47 2.48 23.90
CA SER A 163 -4.23 1.08 23.50
C SER A 163 -3.49 1.00 22.21
N LEU A 164 -3.91 1.80 21.25
CA LEU A 164 -3.30 1.69 19.95
C LEU A 164 -1.84 2.09 20.00
N THR A 165 -1.52 3.11 20.81
CA THR A 165 -0.13 3.58 20.97
C THR A 165 0.79 2.47 21.47
N VAL A 166 0.27 1.69 22.41
CA VAL A 166 0.96 0.50 22.93
C VAL A 166 1.20 -0.56 21.85
N LEU A 167 0.19 -0.83 21.02
CA LEU A 167 0.35 -1.77 19.91
C LEU A 167 1.32 -1.21 18.91
N ALA A 168 1.20 0.08 18.63
CA ALA A 168 2.13 0.81 17.77
C ALA A 168 3.59 0.60 18.17
N GLU A 169 3.88 0.63 19.47
CA GLU A 169 5.26 0.52 19.93
C GLU A 169 5.77 -0.91 19.77
N MET A 170 4.91 -1.88 19.99
CA MET A 170 5.35 -3.26 19.77
C MET A 170 5.53 -3.57 18.28
N GLN A 171 4.88 -2.82 17.42
CA GLN A 171 5.13 -2.92 15.97
C GLN A 171 6.53 -2.39 15.63
N GLN A 172 6.91 -1.27 16.23
CA GLN A 172 8.23 -0.69 16.01
C GLN A 172 9.33 -1.61 16.52
N GLN A 173 9.07 -2.29 17.63
CA GLN A 173 10.01 -3.26 18.14
C GLN A 173 10.09 -4.52 17.29
N GLY A 174 9.24 -4.62 16.27
CA GLY A 174 9.21 -5.81 15.41
C GLY A 174 8.48 -7.05 15.92
N LEU A 175 7.80 -6.94 17.05
CA LEU A 175 6.99 -8.05 17.56
C LEU A 175 5.68 -8.25 16.80
N VAL A 176 5.23 -7.22 16.09
CA VAL A 176 3.95 -7.24 15.38
C VAL A 176 4.07 -6.60 14.01
N LYS A 177 3.72 -7.33 12.95
CA LYS A 177 3.76 -6.72 11.61
C LYS A 177 2.62 -5.73 11.42
N HIS A 178 1.40 -6.20 11.55
CA HIS A 178 0.24 -5.37 11.21
C HIS A 178 -0.79 -5.27 12.33
N ILE A 179 -1.46 -4.12 12.38
CA ILE A 179 -2.48 -3.85 13.39
C ILE A 179 -3.86 -3.82 12.76
N GLY A 180 -4.84 -4.42 13.42
CA GLY A 180 -6.23 -4.32 13.00
C GLY A 180 -7.12 -3.97 14.17
N LEU A 181 -8.41 -3.73 13.90
CA LEU A 181 -9.37 -3.33 14.94
C LEU A 181 -10.53 -4.29 15.08
N SER A 182 -11.02 -4.44 16.29
CA SER A 182 -12.20 -5.28 16.43
C SER A 182 -13.28 -4.61 17.26
N ASN A 183 -14.54 -4.81 16.87
CA ASN A 183 -15.69 -4.19 17.52
C ASN A 183 -15.58 -2.66 17.63
N VAL A 184 -15.55 -1.96 16.49
CA VAL A 184 -15.30 -0.52 16.46
C VAL A 184 -16.32 0.25 15.64
N THR A 185 -16.59 1.50 16.04
CA THR A 185 -17.47 2.39 15.30
C THR A 185 -16.67 3.04 14.20
N PRO A 186 -17.33 3.62 13.20
CA PRO A 186 -16.57 4.32 12.16
C PRO A 186 -15.67 5.44 12.70
N THR A 187 -16.03 6.09 13.81
CA THR A 187 -15.21 7.19 14.32
C THR A 187 -13.91 6.66 14.89
N GLN A 188 -14.02 5.55 15.60
CA GLN A 188 -12.86 4.91 16.23
C GLN A 188 -11.83 4.47 15.20
N VAL A 189 -12.32 3.90 14.11
CA VAL A 189 -11.48 3.55 12.97
C VAL A 189 -10.76 4.79 12.46
N ALA A 190 -11.50 5.88 12.36
CA ALA A 190 -10.96 7.15 11.91
C ALA A 190 -9.90 7.68 12.88
N GLU A 191 -10.13 7.56 14.17
CA GLU A 191 -9.11 7.97 15.15
C GLU A 191 -7.91 7.05 15.08
N ALA A 192 -8.16 5.77 14.86
CA ALA A 192 -7.07 4.81 14.84
C ALA A 192 -6.14 5.07 13.68
N ARG A 193 -6.69 5.35 12.51
CA ARG A 193 -5.91 5.39 11.28
C ARG A 193 -4.95 6.59 11.22
N LYS A 194 -5.03 7.48 12.20
CA LYS A 194 -4.07 8.59 12.33
C LYS A 194 -2.88 8.21 13.23
N ILE A 195 -3.02 7.11 13.98
CA ILE A 195 -1.99 6.63 14.89
C ILE A 195 -1.14 5.52 14.24
N ALA A 196 -1.78 4.68 13.44
CA ALA A 196 -1.07 3.62 12.73
C ALA A 196 -1.91 3.13 11.56
N GLU A 197 -1.29 2.37 10.67
CA GLU A 197 -2.03 1.78 9.57
C GLU A 197 -2.93 0.64 10.09
N ILE A 198 -4.19 0.63 9.67
CA ILE A 198 -5.09 -0.45 10.02
C ILE A 198 -5.32 -1.28 8.76
N VAL A 199 -5.19 -2.60 8.87
CA VAL A 199 -5.28 -3.48 7.70
C VAL A 199 -6.61 -4.24 7.63
N CYS A 200 -7.30 -4.32 8.75
CA CYS A 200 -8.57 -5.00 8.79
C CYS A 200 -9.44 -4.46 9.92
N VAL A 201 -10.75 -4.51 9.69
CA VAL A 201 -11.72 -4.24 10.73
C VAL A 201 -12.59 -5.49 10.91
N GLN A 202 -12.77 -5.92 12.15
CA GLN A 202 -13.53 -7.13 12.46
C GLN A 202 -14.73 -6.78 13.35
N ASN A 203 -15.93 -6.87 12.78
CA ASN A 203 -17.17 -6.44 13.41
C ASN A 203 -18.30 -7.42 13.23
N GLU A 204 -19.31 -7.34 14.09
CA GLU A 204 -20.54 -8.09 13.92
C GLU A 204 -21.27 -7.59 12.68
N TYR A 205 -21.58 -8.52 11.79
CA TYR A 205 -22.24 -8.23 10.52
C TYR A 205 -22.69 -9.53 9.88
N ASN A 206 -23.94 -9.55 9.44
CA ASN A 206 -24.47 -10.65 8.61
C ASN A 206 -25.64 -10.15 7.76
N ILE A 207 -26.35 -11.07 7.12
CA ILE A 207 -27.50 -10.74 6.26
C ILE A 207 -28.57 -9.91 6.98
N ALA A 208 -28.77 -10.17 8.27
CA ALA A 208 -29.81 -9.50 9.03
C ALA A 208 -29.30 -8.29 9.84
N HIS A 209 -27.98 -8.11 9.92
CA HIS A 209 -27.39 -7.02 10.71
C HIS A 209 -26.38 -6.24 9.86
N ARG A 210 -26.89 -5.27 9.11
CA ARG A 210 -26.10 -4.63 8.08
C ARG A 210 -25.82 -3.16 8.34
N ALA A 211 -25.76 -2.77 9.62
CA ALA A 211 -25.47 -1.37 9.98
C ALA A 211 -24.12 -0.90 9.47
N ASP A 212 -23.17 -1.83 9.31
CA ASP A 212 -21.82 -1.46 8.91
C ASP A 212 -21.66 -1.33 7.40
N ASP A 213 -22.77 -1.45 6.67
CA ASP A 213 -22.74 -1.49 5.19
C ASP A 213 -21.84 -0.38 4.62
N ALA A 214 -22.10 0.86 5.01
CA ALA A 214 -21.35 2.03 4.52
C ALA A 214 -19.85 1.93 4.76
N MET A 215 -19.49 1.54 5.98
CA MET A 215 -18.10 1.43 6.36
C MET A 215 -17.38 0.35 5.55
N ILE A 216 -18.06 -0.76 5.28
CA ILE A 216 -17.49 -1.84 4.47
C ILE A 216 -17.06 -1.33 3.10
N ASP A 217 -17.91 -0.53 2.47
CA ASP A 217 -17.57 0.01 1.15
C ASP A 217 -16.43 1.03 1.22
N ALA A 218 -16.46 1.87 2.25
CA ALA A 218 -15.39 2.85 2.43
C ALA A 218 -14.06 2.16 2.72
N LEU A 219 -14.08 1.17 3.60
CA LEU A 219 -12.88 0.39 3.87
C LEU A 219 -12.36 -0.23 2.58
N ALA A 220 -13.28 -0.76 1.77
CA ALA A 220 -12.91 -1.41 0.53
C ALA A 220 -12.14 -0.45 -0.39
N HIS A 221 -12.60 0.79 -0.45
CA HIS A 221 -11.97 1.77 -1.34
C HIS A 221 -10.55 2.08 -0.89
N ASP A 222 -10.25 1.91 0.40
CA ASP A 222 -8.90 2.10 0.94
C ASP A 222 -8.08 0.81 1.04
N GLY A 223 -8.63 -0.29 0.53
CA GLY A 223 -7.91 -1.55 0.51
C GLY A 223 -7.74 -2.18 1.89
N ILE A 224 -8.60 -1.79 2.82
CA ILE A 224 -8.65 -2.38 4.17
C ILE A 224 -9.72 -3.48 4.22
N ALA A 225 -9.37 -4.64 4.76
CA ALA A 225 -10.32 -5.76 4.78
C ALA A 225 -11.34 -5.61 5.90
N TYR A 226 -12.48 -6.27 5.73
CA TYR A 226 -13.55 -6.26 6.74
C TYR A 226 -13.88 -7.70 7.07
N VAL A 227 -14.01 -8.02 8.35
CA VAL A 227 -14.16 -9.41 8.76
C VAL A 227 -15.41 -9.58 9.62
N PRO A 228 -16.49 -10.10 9.04
CA PRO A 228 -17.75 -10.23 9.77
C PRO A 228 -17.70 -11.40 10.74
N PHE A 229 -18.31 -11.28 11.92
CA PHE A 229 -18.64 -12.50 12.69
C PHE A 229 -20.15 -12.60 13.05
N PHE A 230 -20.53 -13.73 13.63
CA PHE A 230 -21.91 -14.24 13.57
C PHE A 230 -22.47 -14.25 12.14
N PRO A 231 -21.99 -15.17 11.29
CA PRO A 231 -22.58 -15.28 9.95
C PRO A 231 -24.07 -15.68 9.99
N LEU A 232 -24.48 -16.40 11.03
CA LEU A 232 -25.87 -16.86 11.15
C LEU A 232 -26.54 -16.36 12.43
N GLY A 233 -25.92 -15.40 13.12
CA GLY A 233 -26.42 -15.01 14.43
C GLY A 233 -27.63 -14.09 14.50
N GLY A 234 -28.47 -14.34 15.50
CA GLY A 234 -29.59 -13.50 15.84
C GLY A 234 -30.63 -13.25 14.76
N PHE A 235 -31.08 -14.33 14.12
CA PHE A 235 -32.15 -14.26 13.13
C PHE A 235 -33.51 -14.46 13.76
N THR A 236 -34.51 -13.72 13.29
CA THR A 236 -35.88 -13.97 13.69
C THR A 236 -36.42 -15.12 12.84
N PRO A 237 -37.46 -15.83 13.34
CA PRO A 237 -38.06 -16.95 12.61
C PRO A 237 -38.29 -16.62 11.15
N LEU A 238 -38.90 -15.49 10.87
CA LEU A 238 -39.16 -15.07 9.48
C LEU A 238 -37.85 -14.90 8.71
N GLN A 239 -36.86 -14.31 9.36
CA GLN A 239 -35.55 -14.14 8.72
C GLN A 239 -34.96 -15.50 8.45
N SER A 240 -35.05 -16.37 9.45
CA SER A 240 -34.50 -17.72 9.33
C SER A 240 -35.18 -18.56 8.25
N SER A 241 -36.52 -18.50 8.17
CA SER A 241 -37.25 -19.32 7.20
C SER A 241 -37.02 -18.84 5.76
N THR A 242 -36.88 -17.53 5.58
CA THR A 242 -36.53 -17.02 4.27
C THR A 242 -35.19 -17.58 3.82
N LEU A 243 -34.17 -17.44 4.67
CA LEU A 243 -32.86 -18.02 4.35
C LEU A 243 -33.00 -19.51 4.04
N SER A 244 -33.75 -20.24 4.85
CA SER A 244 -33.98 -21.67 4.61
C SER A 244 -34.61 -21.92 3.27
N ASP A 245 -35.58 -21.08 2.90
CA ASP A 245 -36.26 -21.20 1.60
C ASP A 245 -35.27 -21.08 0.47
N VAL A 246 -34.44 -20.05 0.55
CA VAL A 246 -33.41 -19.80 -0.44
C VAL A 246 -32.42 -20.98 -0.54
N ALA A 247 -31.92 -21.45 0.59
CA ALA A 247 -31.03 -22.63 0.60
C ALA A 247 -31.67 -23.82 -0.14
N ALA A 248 -32.86 -24.21 0.28
CA ALA A 248 -33.60 -25.33 -0.30
C ALA A 248 -33.62 -25.24 -1.82
N SER A 249 -34.10 -24.11 -2.34
CA SER A 249 -34.18 -23.91 -3.77
C SER A 249 -32.83 -23.98 -4.46
N LEU A 250 -31.77 -23.76 -3.71
CA LEU A 250 -30.42 -23.81 -4.26
C LEU A 250 -29.70 -25.13 -4.00
N GLY A 251 -30.30 -26.02 -3.22
CA GLY A 251 -29.63 -27.27 -2.86
C GLY A 251 -28.41 -27.01 -1.98
N ALA A 252 -28.50 -25.98 -1.15
CA ALA A 252 -27.40 -25.61 -0.25
C ALA A 252 -27.88 -25.59 1.21
N THR A 253 -26.96 -25.43 2.15
CA THR A 253 -27.37 -25.20 3.54
C THR A 253 -27.48 -23.68 3.82
N PRO A 254 -28.24 -23.32 4.87
CA PRO A 254 -28.29 -21.91 5.28
C PRO A 254 -26.90 -21.32 5.56
N MET A 255 -25.99 -22.08 6.16
CA MET A 255 -24.64 -21.58 6.42
C MET A 255 -23.93 -21.24 5.11
N GLN A 256 -24.01 -22.14 4.14
CA GLN A 256 -23.44 -21.93 2.81
C GLN A 256 -24.00 -20.70 2.12
N VAL A 257 -25.32 -20.48 2.25
CA VAL A 257 -25.93 -19.31 1.64
C VAL A 257 -25.42 -18.05 2.35
N ALA A 258 -25.27 -18.14 3.66
CA ALA A 258 -24.85 -16.98 4.44
C ALA A 258 -23.42 -16.58 4.06
N LEU A 259 -22.53 -17.57 3.95
CA LEU A 259 -21.15 -17.31 3.54
C LEU A 259 -21.07 -16.75 2.12
N ALA A 260 -21.81 -17.36 1.20
CA ALA A 260 -21.76 -16.94 -0.20
C ALA A 260 -22.29 -15.52 -0.38
N TRP A 261 -23.28 -15.15 0.44
CA TRP A 261 -23.79 -13.80 0.37
C TRP A 261 -22.68 -12.82 0.82
N LEU A 262 -21.95 -13.20 1.87
CA LEU A 262 -20.87 -12.35 2.34
C LEU A 262 -19.81 -12.24 1.27
N LEU A 263 -19.52 -13.34 0.59
CA LEU A 263 -18.43 -13.34 -0.38
C LEU A 263 -18.71 -12.35 -1.52
N GLN A 264 -19.94 -12.34 -2.03
CA GLN A 264 -20.28 -11.45 -3.16
C GLN A 264 -20.60 -10.01 -2.70
N ARG A 265 -20.80 -9.81 -1.40
CA ARG A 265 -21.22 -8.48 -0.93
C ARG A 265 -20.14 -7.42 -1.19
N SER A 266 -18.88 -7.76 -0.94
CA SER A 266 -17.79 -6.83 -1.19
C SER A 266 -16.48 -7.61 -1.29
N PRO A 267 -15.54 -7.15 -2.13
CA PRO A 267 -14.34 -7.97 -2.35
C PRO A 267 -13.31 -7.88 -1.23
N ASN A 268 -13.48 -6.94 -0.30
CA ASN A 268 -12.58 -6.84 0.84
C ASN A 268 -13.03 -7.68 2.05
N ILE A 269 -14.13 -8.42 1.92
CA ILE A 269 -14.67 -9.17 3.04
C ILE A 269 -13.98 -10.54 3.18
N LEU A 270 -13.47 -10.82 4.39
CA LEU A 270 -12.81 -12.08 4.71
C LEU A 270 -13.67 -12.89 5.65
N LEU A 271 -13.87 -14.17 5.33
CA LEU A 271 -14.69 -15.00 6.17
C LEU A 271 -13.85 -15.88 7.08
N ILE A 272 -14.28 -15.98 8.33
CA ILE A 272 -13.62 -16.83 9.29
C ILE A 272 -14.62 -17.70 10.05
N PRO A 273 -15.43 -18.49 9.32
CA PRO A 273 -16.39 -19.32 10.07
C PRO A 273 -15.63 -20.32 10.94
N GLY A 274 -16.07 -20.48 12.19
CA GLY A 274 -15.51 -21.48 13.09
C GLY A 274 -16.31 -22.79 13.10
N THR A 275 -15.61 -23.91 13.27
CA THR A 275 -16.29 -25.18 13.43
C THR A 275 -15.37 -26.21 14.09
N SER A 276 -15.96 -27.10 14.90
CA SER A 276 -15.22 -28.19 15.54
C SER A 276 -15.57 -29.51 14.89
N SER A 277 -16.06 -29.44 13.65
CA SER A 277 -16.55 -30.60 12.93
C SER A 277 -16.04 -30.61 11.48
N VAL A 278 -15.44 -31.72 11.07
CA VAL A 278 -14.84 -31.80 9.74
C VAL A 278 -15.92 -31.67 8.65
N ALA A 279 -17.10 -32.22 8.90
CA ALA A 279 -18.15 -32.18 7.88
C ALA A 279 -18.55 -30.74 7.58
N HIS A 280 -18.70 -29.94 8.64
CA HIS A 280 -19.07 -28.53 8.51
C HIS A 280 -17.96 -27.72 7.84
N LEU A 281 -16.72 -28.05 8.16
CA LEU A 281 -15.59 -27.42 7.53
C LEU A 281 -15.67 -27.56 6.02
N ARG A 282 -15.74 -28.80 5.55
CA ARG A 282 -15.83 -29.07 4.12
C ARG A 282 -17.05 -28.38 3.50
N GLU A 283 -18.17 -28.40 4.22
CA GLU A 283 -19.37 -27.74 3.75
C GLU A 283 -19.19 -26.20 3.65
N ASN A 284 -18.60 -25.59 4.67
CA ASN A 284 -18.30 -24.17 4.63
C ASN A 284 -17.40 -23.83 3.45
N MET A 285 -16.45 -24.72 3.17
CA MET A 285 -15.49 -24.46 2.10
C MET A 285 -16.15 -24.62 0.74
N ALA A 286 -17.21 -25.42 0.68
CA ALA A 286 -17.96 -25.64 -0.56
C ALA A 286 -18.81 -24.43 -0.93
N ALA A 287 -19.03 -23.54 0.03
CA ALA A 287 -19.77 -22.29 -0.20
C ALA A 287 -19.19 -21.42 -1.31
N GLU A 288 -17.92 -21.65 -1.65
CA GLU A 288 -17.28 -20.89 -2.74
C GLU A 288 -17.86 -21.24 -4.11
N LYS A 289 -18.42 -22.44 -4.24
CA LYS A 289 -18.98 -22.91 -5.52
C LYS A 289 -20.38 -22.36 -5.75
N LEU A 290 -20.97 -21.77 -4.71
CA LEU A 290 -22.36 -21.35 -4.77
C LEU A 290 -22.50 -19.96 -5.40
N HIS A 291 -23.36 -19.86 -6.42
CA HIS A 291 -23.46 -18.60 -7.15
C HIS A 291 -24.86 -18.04 -7.04
N LEU A 292 -24.94 -16.81 -6.51
CA LEU A 292 -26.21 -16.23 -6.13
C LEU A 292 -26.77 -15.33 -7.22
N SER A 293 -27.87 -15.77 -7.81
CA SER A 293 -28.55 -15.02 -8.85
C SER A 293 -29.07 -13.70 -8.32
N GLU A 294 -29.39 -12.79 -9.24
CA GLU A 294 -29.93 -11.51 -8.88
C GLU A 294 -31.25 -11.63 -8.12
N GLU A 295 -32.11 -12.56 -8.54
CA GLU A 295 -33.40 -12.69 -7.88
C GLU A 295 -33.20 -13.20 -6.44
N VAL A 296 -32.22 -14.08 -6.27
CA VAL A 296 -31.89 -14.61 -4.94
C VAL A 296 -31.29 -13.50 -4.06
N LEU A 297 -30.46 -12.65 -4.64
CA LEU A 297 -29.89 -11.54 -3.88
C LEU A 297 -30.99 -10.57 -3.46
N SER A 298 -31.96 -10.37 -4.34
CA SER A 298 -33.11 -9.53 -4.03
C SER A 298 -33.84 -10.03 -2.78
N THR A 299 -34.11 -11.33 -2.75
CA THR A 299 -34.73 -11.94 -1.59
C THR A 299 -33.85 -11.80 -0.33
N LEU A 300 -32.55 -12.02 -0.48
CA LEU A 300 -31.65 -11.96 0.67
C LEU A 300 -31.48 -10.53 1.19
N ASP A 301 -31.37 -9.54 0.29
CA ASP A 301 -31.25 -8.14 0.74
C ASP A 301 -32.50 -7.67 1.48
N GLY A 302 -33.63 -8.33 1.23
CA GLY A 302 -34.87 -7.95 1.89
C GLY A 302 -35.05 -8.56 3.27
N ILE A 303 -34.14 -9.46 3.64
CA ILE A 303 -34.17 -10.10 4.96
C ILE A 303 -33.97 -9.08 6.08
N SER A 304 -33.17 -8.06 5.82
CA SER A 304 -32.91 -7.03 6.82
C SER A 304 -33.97 -5.93 6.80
N ARG A 305 -34.66 -5.79 5.67
CA ARG A 305 -35.64 -4.72 5.49
C ARG A 305 -37.05 -5.17 5.77
N ASN B 24 3.30 8.02 2.23
CA ASN B 24 3.58 8.35 0.83
C ASN B 24 4.07 9.78 0.63
N THR B 25 4.79 10.28 1.62
CA THR B 25 5.41 11.59 1.53
C THR B 25 6.89 11.42 1.76
N PHE B 26 7.67 12.47 1.48
CA PHE B 26 9.09 12.43 1.74
C PHE B 26 9.64 13.84 1.84
N THR B 27 10.58 14.06 2.75
CA THR B 27 11.21 15.36 2.85
C THR B 27 12.29 15.50 1.79
N LEU B 28 12.03 16.34 0.80
CA LEU B 28 12.99 16.69 -0.22
C LEU B 28 13.49 18.11 0.04
N GLY B 29 14.77 18.26 0.35
CA GLY B 29 15.28 19.53 0.80
C GLY B 29 14.68 19.82 2.16
N THR B 30 13.90 20.90 2.24
CA THR B 30 13.17 21.24 3.45
C THR B 30 11.65 21.17 3.26
N LYS B 31 11.21 20.82 2.05
CA LYS B 31 9.78 20.71 1.75
C LYS B 31 9.32 19.25 1.71
N SER B 32 8.14 18.98 2.27
CA SER B 32 7.54 17.65 2.19
C SER B 32 6.93 17.47 0.81
N VAL B 33 7.22 16.36 0.15
CA VAL B 33 6.61 16.10 -1.15
C VAL B 33 5.84 14.78 -1.13
N ASN B 34 4.71 14.75 -1.84
CA ASN B 34 3.95 13.52 -2.13
C ASN B 34 4.78 12.69 -3.10
N ARG B 35 4.93 11.41 -2.80
CA ARG B 35 5.87 10.58 -3.53
C ARG B 35 5.37 10.29 -4.93
N LEU B 36 4.10 10.59 -5.18
CA LEU B 36 3.58 10.55 -6.54
C LEU B 36 3.54 11.96 -7.12
N GLY B 37 4.52 12.27 -7.95
CA GLY B 37 4.64 13.58 -8.55
C GLY B 37 4.37 13.54 -10.03
N TYR B 38 4.79 14.59 -10.73
CA TYR B 38 4.51 14.71 -12.14
C TYR B 38 5.72 15.20 -12.92
N GLY B 39 6.14 14.43 -13.92
CA GLY B 39 7.19 14.89 -14.81
C GLY B 39 6.61 15.58 -16.03
N ALA B 40 7.17 16.73 -16.37
CA ALA B 40 6.56 17.65 -17.32
C ALA B 40 7.07 17.50 -18.75
N MET B 41 7.91 16.50 -18.97
CA MET B 41 8.56 16.24 -20.26
C MET B 41 7.59 15.98 -21.43
N GLN B 42 6.37 15.53 -21.15
CA GLN B 42 5.44 15.35 -22.25
C GLN B 42 4.78 16.67 -22.65
N LEU B 43 4.83 17.70 -21.80
CA LEU B 43 4.24 18.99 -22.17
C LEU B 43 5.12 19.78 -23.13
N ALA B 44 5.26 19.23 -24.34
CA ALA B 44 6.17 19.73 -25.36
C ALA B 44 5.93 18.95 -26.65
N GLY B 45 6.48 19.43 -27.77
CA GLY B 45 6.32 18.73 -29.03
C GLY B 45 7.08 17.40 -29.07
N PRO B 46 7.00 16.70 -30.21
CA PRO B 46 7.77 15.49 -30.51
C PRO B 46 9.27 15.66 -30.30
N GLY B 47 9.88 14.75 -29.56
CA GLY B 47 11.28 14.87 -29.20
C GLY B 47 11.48 15.86 -28.08
N VAL B 48 10.40 16.12 -27.32
CA VAL B 48 10.37 17.14 -26.28
C VAL B 48 10.87 18.46 -26.85
N PHE B 49 10.49 18.74 -28.10
CA PHE B 49 11.00 19.88 -28.88
C PHE B 49 9.87 20.63 -29.56
N GLY B 50 9.84 21.94 -29.37
CA GLY B 50 8.76 22.76 -29.90
C GLY B 50 7.53 22.65 -29.00
N PRO B 51 6.43 23.34 -29.37
CA PRO B 51 5.24 23.37 -28.52
C PRO B 51 4.49 22.03 -28.53
N PRO B 52 3.76 21.74 -27.43
CA PRO B 52 2.98 20.49 -27.31
C PRO B 52 1.82 20.45 -28.29
N ARG B 53 1.30 19.25 -28.57
CA ARG B 53 0.19 19.08 -29.51
C ARG B 53 -0.91 20.11 -29.24
N ASP B 54 -1.38 20.17 -27.99
CA ASP B 54 -2.46 21.07 -27.61
C ASP B 54 -2.11 21.75 -26.31
N ARG B 55 -1.90 23.08 -26.36
CA ARG B 55 -1.46 23.83 -25.17
C ARG B 55 -2.51 23.84 -24.06
N HIS B 56 -3.79 23.99 -24.44
CA HIS B 56 -4.90 23.90 -23.50
C HIS B 56 -4.85 22.60 -22.70
N VAL B 57 -4.64 21.50 -23.41
CA VAL B 57 -4.62 20.20 -22.74
C VAL B 57 -3.48 20.14 -21.72
N ALA B 58 -2.33 20.68 -22.09
CA ALA B 58 -1.17 20.74 -21.19
C ALA B 58 -1.51 21.51 -19.93
N ILE B 59 -2.18 22.63 -20.10
CA ILE B 59 -2.60 23.43 -18.98
C ILE B 59 -3.54 22.65 -18.07
N THR B 60 -4.57 22.04 -18.65
CA THR B 60 -5.53 21.26 -17.86
C THR B 60 -4.86 20.13 -17.04
N VAL B 61 -3.88 19.46 -17.64
CA VAL B 61 -3.18 18.37 -16.96
C VAL B 61 -2.45 18.88 -15.71
N LEU B 62 -1.77 20.02 -15.82
CA LEU B 62 -1.04 20.58 -14.67
C LEU B 62 -1.97 20.89 -13.49
N ARG B 63 -3.09 21.56 -13.78
CA ARG B 63 -4.04 21.96 -12.75
C ARG B 63 -4.71 20.76 -12.09
N GLU B 64 -5.11 19.78 -12.90
CA GLU B 64 -5.73 18.57 -12.39
C GLU B 64 -4.74 17.82 -11.50
N ALA B 65 -3.48 17.82 -11.93
CA ALA B 65 -2.42 17.18 -11.17
C ALA B 65 -2.31 17.77 -9.76
N LEU B 66 -2.23 19.09 -9.64
CA LEU B 66 -2.26 19.72 -8.31
C LEU B 66 -3.56 19.37 -7.57
N ALA B 67 -4.70 19.43 -8.26
CA ALA B 67 -5.99 19.03 -7.67
C ALA B 67 -5.96 17.59 -7.16
N LEU B 68 -5.21 16.73 -7.84
CA LEU B 68 -5.10 15.33 -7.41
C LEU B 68 -4.11 15.15 -6.25
N GLY B 69 -3.47 16.23 -5.82
CA GLY B 69 -2.52 16.16 -4.73
C GLY B 69 -1.03 16.15 -5.12
N VAL B 70 -0.74 16.35 -6.40
CA VAL B 70 0.66 16.47 -6.79
C VAL B 70 1.25 17.77 -6.24
N ASN B 71 2.39 17.69 -5.58
CA ASN B 71 3.10 18.89 -5.14
C ASN B 71 4.58 18.82 -5.47
N HIS B 72 4.93 17.89 -6.36
CA HIS B 72 6.29 17.77 -6.86
C HIS B 72 6.27 17.64 -8.37
N ILE B 73 6.82 18.66 -9.03
CA ILE B 73 6.86 18.72 -10.49
C ILE B 73 8.31 18.76 -10.95
N ASP B 74 8.65 17.89 -11.89
CA ASP B 74 9.97 17.78 -12.47
C ASP B 74 9.98 18.38 -13.86
N THR B 75 10.93 19.24 -14.15
CA THR B 75 10.91 19.89 -15.43
C THR B 75 12.31 20.31 -15.85
N SER B 76 12.37 21.01 -16.98
CA SER B 76 13.64 21.53 -17.48
C SER B 76 13.40 22.64 -18.47
N ASP B 77 14.36 23.54 -18.61
CA ASP B 77 14.21 24.62 -19.57
C ASP B 77 14.70 24.21 -20.97
N PHE B 78 15.44 23.12 -21.07
CA PHE B 78 15.74 22.63 -22.41
C PHE B 78 14.63 21.70 -22.91
N TYR B 79 13.51 21.64 -22.20
CA TYR B 79 12.27 21.03 -22.69
C TYR B 79 11.53 22.03 -23.55
N GLY B 80 11.58 21.86 -24.87
CA GLY B 80 11.01 22.84 -25.76
C GLY B 80 11.99 23.36 -26.81
N PRO B 81 12.98 24.17 -26.40
CA PRO B 81 13.25 24.64 -25.03
C PRO B 81 12.33 25.76 -24.58
N HIS B 82 12.42 26.14 -23.30
CA HIS B 82 11.65 27.23 -22.71
C HIS B 82 10.13 26.97 -22.59
N VAL B 83 9.52 26.43 -23.62
CA VAL B 83 8.05 26.43 -23.68
C VAL B 83 7.42 25.64 -22.55
N THR B 84 8.08 24.56 -22.12
CA THR B 84 7.48 23.71 -21.08
C THR B 84 7.38 24.48 -19.78
N ASN B 85 8.47 25.12 -19.38
CA ASN B 85 8.47 25.98 -18.22
C ASN B 85 7.42 27.10 -18.29
N GLN B 86 7.28 27.72 -19.47
CA GLN B 86 6.29 28.81 -19.67
C GLN B 86 4.84 28.33 -19.54
N ILE B 87 4.60 27.06 -19.87
CA ILE B 87 3.27 26.48 -19.74
C ILE B 87 2.97 26.25 -18.26
N ILE B 88 3.96 25.73 -17.54
CA ILE B 88 3.85 25.57 -16.09
C ILE B 88 3.52 26.91 -15.43
N ARG B 89 4.21 27.96 -15.87
CA ARG B 89 3.92 29.32 -15.41
C ARG B 89 2.50 29.82 -15.76
N GLU B 90 2.11 29.74 -17.02
CA GLU B 90 0.75 30.14 -17.40
C GLU B 90 -0.31 29.35 -16.60
N ALA B 91 -0.05 28.07 -16.37
CA ALA B 91 -1.04 27.20 -15.76
C ALA B 91 -1.12 27.30 -14.23
N LEU B 92 0.01 27.58 -13.58
CA LEU B 92 0.08 27.45 -12.13
C LEU B 92 0.55 28.67 -11.36
N TYR B 93 1.16 29.65 -12.02
CA TYR B 93 1.56 30.84 -11.27
C TYR B 93 0.31 31.65 -10.90
N PRO B 94 0.20 32.06 -9.63
CA PRO B 94 1.18 31.92 -8.55
C PRO B 94 1.10 30.61 -7.78
N TYR B 95 2.28 30.04 -7.52
CA TYR B 95 2.41 28.71 -6.93
C TYR B 95 2.14 28.73 -5.44
N SER B 96 1.46 27.71 -4.94
CA SER B 96 1.34 27.52 -3.50
C SER B 96 2.72 27.26 -2.89
N ASP B 97 2.85 27.48 -1.59
CA ASP B 97 4.15 27.28 -0.95
C ASP B 97 4.49 25.81 -0.74
N ASP B 98 3.53 24.92 -0.89
CA ASP B 98 3.83 23.51 -0.69
C ASP B 98 4.24 22.85 -2.00
N LEU B 99 4.40 23.65 -3.05
CA LEU B 99 4.79 23.12 -4.35
C LEU B 99 6.30 23.11 -4.51
N THR B 100 6.87 21.97 -4.89
CA THR B 100 8.29 21.92 -5.23
C THR B 100 8.45 21.74 -6.73
N ILE B 101 9.15 22.65 -7.39
CA ILE B 101 9.48 22.48 -8.79
C ILE B 101 10.94 22.14 -8.92
N VAL B 102 11.25 20.90 -9.32
CA VAL B 102 12.62 20.49 -9.55
C VAL B 102 13.00 20.68 -11.01
N THR B 103 14.14 21.31 -11.29
CA THR B 103 14.53 21.45 -12.68
C THR B 103 15.93 20.93 -12.90
N LYS B 104 16.29 20.75 -14.17
CA LYS B 104 17.59 20.21 -14.56
C LYS B 104 18.32 21.10 -15.54
N ILE B 105 19.63 21.17 -15.37
CA ILE B 105 20.49 21.88 -16.30
C ILE B 105 21.67 20.99 -16.71
N GLY B 106 22.39 21.38 -17.75
CA GLY B 106 23.59 20.66 -18.14
C GLY B 106 23.52 20.16 -19.58
N ALA B 107 22.43 20.51 -20.25
CA ALA B 107 22.25 20.17 -21.65
C ALA B 107 21.72 21.37 -22.45
N ARG B 108 22.16 21.50 -23.70
CA ARG B 108 21.49 22.41 -24.63
C ARG B 108 21.04 21.57 -25.81
N ARG B 109 20.15 22.10 -26.62
CA ARG B 109 19.54 21.30 -27.68
C ARG B 109 20.04 21.56 -29.09
N GLY B 110 19.88 22.79 -29.57
CA GLY B 110 20.19 23.07 -30.96
C GLY B 110 18.94 22.88 -31.80
N GLU B 111 18.89 23.57 -32.94
CA GLU B 111 17.68 23.65 -33.74
C GLU B 111 17.39 22.41 -34.62
N ASP B 112 17.89 21.25 -34.19
CA ASP B 112 17.54 19.97 -34.80
C ASP B 112 17.14 18.99 -33.69
N ALA B 113 16.68 19.54 -32.57
CA ALA B 113 16.20 18.78 -31.41
C ALA B 113 17.27 17.90 -30.77
N SER B 114 18.54 18.09 -31.15
CA SER B 114 19.63 17.27 -30.61
C SER B 114 19.81 17.53 -29.12
N TRP B 115 20.54 16.65 -28.44
CA TRP B 115 20.85 16.88 -27.02
C TRP B 115 22.36 17.05 -26.86
N LEU B 116 22.77 18.22 -26.39
CA LEU B 116 24.18 18.57 -26.36
C LEU B 116 24.62 19.07 -25.00
N PRO B 117 25.88 18.75 -24.60
CA PRO B 117 26.55 19.20 -23.37
C PRO B 117 26.55 20.71 -23.21
N ALA B 118 26.14 21.17 -22.03
CA ALA B 118 26.14 22.59 -21.70
C ALA B 118 26.67 22.78 -20.30
N PHE B 119 27.96 22.50 -20.11
CA PHE B 119 28.56 22.50 -18.78
C PHE B 119 29.53 23.64 -18.49
N SER B 120 29.77 24.51 -19.47
CA SER B 120 30.64 25.64 -19.18
C SER B 120 29.90 26.53 -18.16
N PRO B 121 30.68 27.18 -17.28
CA PRO B 121 30.17 28.14 -16.29
C PRO B 121 29.11 29.08 -16.89
N ALA B 122 29.37 29.60 -18.07
CA ALA B 122 28.47 30.58 -18.66
C ALA B 122 27.13 29.94 -19.02
N GLU B 123 27.18 28.73 -19.53
CA GLU B 123 25.99 27.97 -19.91
C GLU B 123 25.14 27.57 -18.70
N LEU B 124 25.80 27.06 -17.65
CA LEU B 124 25.09 26.66 -16.43
C LEU B 124 24.43 27.87 -15.78
N GLN B 125 25.08 29.03 -15.87
CA GLN B 125 24.50 30.23 -15.29
C GLN B 125 23.35 30.75 -16.13
N LYS B 126 23.54 30.70 -17.45
CA LYS B 126 22.49 31.05 -18.39
C LYS B 126 21.28 30.17 -18.12
N ALA B 127 21.54 28.87 -17.97
CA ALA B 127 20.49 27.89 -17.72
C ALA B 127 19.68 28.22 -16.45
N VAL B 128 20.36 28.50 -15.35
CA VAL B 128 19.64 28.80 -14.11
C VAL B 128 18.77 30.06 -14.24
N HIS B 129 19.24 31.06 -14.97
CA HIS B 129 18.46 32.26 -15.03
C HIS B 129 17.38 32.17 -16.12
N ASP B 130 17.54 31.25 -17.07
CA ASP B 130 16.44 30.93 -18.01
C ASP B 130 15.28 30.28 -17.23
N ASN B 131 15.59 29.31 -16.38
CA ASN B 131 14.59 28.72 -15.48
C ASN B 131 13.89 29.74 -14.62
N LEU B 132 14.66 30.68 -14.05
CA LEU B 132 14.13 31.65 -13.11
C LEU B 132 13.07 32.51 -13.80
N ARG B 133 13.44 33.00 -14.98
CA ARG B 133 12.59 33.83 -15.79
C ARG B 133 11.35 33.06 -16.32
N ASN B 134 11.56 31.91 -16.93
CA ASN B 134 10.46 31.17 -17.57
C ASN B 134 9.49 30.58 -16.58
N LEU B 135 9.95 30.24 -15.38
CA LEU B 135 9.03 29.75 -14.35
C LEU B 135 8.46 30.91 -13.55
N GLY B 136 9.07 32.08 -13.70
CA GLY B 136 8.69 33.26 -12.93
C GLY B 136 9.09 33.14 -11.47
N LEU B 137 10.26 32.58 -11.20
CA LEU B 137 10.71 32.43 -9.80
C LEU B 137 11.87 33.36 -9.46
N ASP B 138 12.09 33.59 -8.16
CA ASP B 138 13.28 34.29 -7.68
C ASP B 138 14.33 33.31 -7.16
N VAL B 139 13.90 32.10 -6.84
CA VAL B 139 14.83 31.06 -6.39
C VAL B 139 14.33 29.69 -6.85
N LEU B 140 15.26 28.85 -7.27
CA LEU B 140 14.93 27.49 -7.68
C LEU B 140 15.06 26.58 -6.47
N ASP B 141 13.98 25.87 -6.17
CA ASP B 141 13.93 24.86 -5.12
C ASP B 141 15.07 23.85 -5.21
N VAL B 142 15.08 23.10 -6.30
CA VAL B 142 16.09 22.08 -6.51
C VAL B 142 16.61 22.14 -7.92
N VAL B 143 17.93 22.19 -8.08
CA VAL B 143 18.50 22.08 -9.42
C VAL B 143 19.34 20.81 -9.58
N ASN B 144 18.85 19.89 -10.43
CA ASN B 144 19.59 18.67 -10.77
C ASN B 144 20.66 18.98 -11.80
N LEU B 145 21.89 18.54 -11.53
CA LEU B 145 22.95 18.60 -12.54
C LEU B 145 22.90 17.32 -13.37
N ARG B 146 22.63 17.46 -14.67
CA ARG B 146 22.54 16.28 -15.52
C ARG B 146 23.89 15.93 -16.17
N VAL B 147 24.55 14.92 -15.62
CA VAL B 147 25.86 14.47 -16.10
C VAL B 147 25.81 13.68 -17.41
N MET B 148 26.67 14.05 -18.36
CA MET B 148 26.82 13.32 -19.63
C MET B 148 28.28 12.95 -19.85
N MET B 149 28.80 11.99 -19.08
CA MET B 149 30.24 11.73 -19.08
C MET B 149 30.66 10.65 -20.08
N GLY B 150 29.68 9.89 -20.59
CA GLY B 150 29.97 8.85 -21.57
C GLY B 150 29.90 9.33 -23.01
N ASP B 151 30.51 8.55 -23.90
CA ASP B 151 30.40 8.78 -25.33
C ASP B 151 29.04 8.24 -25.87
N GLY B 152 28.35 7.42 -25.05
CA GLY B 152 26.99 7.00 -25.38
C GLY B 152 26.04 7.12 -24.19
N HIS B 153 24.79 6.70 -24.42
CA HIS B 153 23.75 6.45 -23.42
C HIS B 153 24.34 6.47 -22.01
N GLY B 154 23.76 7.26 -21.10
CA GLY B 154 23.83 6.91 -19.70
C GLY B 154 25.05 7.12 -18.80
N PRO B 155 25.02 6.49 -17.61
CA PRO B 155 26.01 6.77 -16.56
C PRO B 155 27.44 6.31 -16.89
N ALA B 156 28.42 7.16 -16.59
CA ALA B 156 29.83 6.85 -16.86
C ALA B 156 30.77 7.63 -15.94
N GLU B 157 31.94 7.06 -15.67
CA GLU B 157 32.88 7.70 -14.73
C GLU B 157 33.59 8.92 -15.31
N GLY B 158 34.02 9.80 -14.41
CA GLY B 158 34.67 11.06 -14.76
C GLY B 158 34.37 12.11 -13.69
N SER B 159 35.28 13.06 -13.47
CA SER B 159 35.05 14.09 -12.46
C SER B 159 33.99 15.11 -12.88
N ILE B 160 33.18 15.51 -11.90
CA ILE B 160 32.08 16.44 -12.10
C ILE B 160 32.29 17.68 -11.24
N GLU B 161 33.45 17.76 -10.59
CA GLU B 161 33.74 18.86 -9.67
C GLU B 161 33.47 20.24 -10.27
N ALA B 162 33.95 20.43 -11.48
CA ALA B 162 33.92 21.73 -12.12
C ALA B 162 32.48 22.27 -12.25
N SER B 163 31.60 21.48 -12.87
CA SER B 163 30.17 21.82 -12.94
C SER B 163 29.55 22.06 -11.57
N LEU B 164 29.83 21.17 -10.64
CA LEU B 164 29.19 21.27 -9.33
C LEU B 164 29.65 22.51 -8.58
N THR B 165 30.90 22.91 -8.78
CA THR B 165 31.43 24.12 -8.13
C THR B 165 30.65 25.34 -8.56
N VAL B 166 30.33 25.38 -9.86
CA VAL B 166 29.55 26.46 -10.43
C VAL B 166 28.14 26.50 -9.83
N LEU B 167 27.50 25.34 -9.73
CA LEU B 167 26.16 25.27 -9.16
C LEU B 167 26.21 25.63 -7.67
N ALA B 168 27.24 25.14 -6.98
CA ALA B 168 27.55 25.52 -5.59
C ALA B 168 27.58 27.03 -5.36
N GLU B 169 28.17 27.78 -6.29
CA GLU B 169 28.23 29.24 -6.14
C GLU B 169 26.86 29.89 -6.31
N MET B 170 26.05 29.40 -7.22
CA MET B 170 24.73 30.01 -7.37
C MET B 170 23.81 29.68 -6.21
N GLN B 171 24.05 28.56 -5.54
CA GLN B 171 23.36 28.28 -4.29
C GLN B 171 23.80 29.27 -3.20
N GLN B 172 25.11 29.51 -3.11
CA GLN B 172 25.63 30.52 -2.18
C GLN B 172 25.05 31.91 -2.43
N GLN B 173 24.75 32.25 -3.68
CA GLN B 173 24.15 33.54 -4.02
C GLN B 173 22.66 33.60 -3.81
N GLY B 174 22.06 32.47 -3.44
CA GLY B 174 20.63 32.43 -3.18
C GLY B 174 19.74 32.18 -4.38
N LEU B 175 20.35 31.93 -5.54
CA LEU B 175 19.55 31.63 -6.72
C LEU B 175 18.98 30.20 -6.68
N VAL B 176 19.67 29.30 -5.97
CA VAL B 176 19.30 27.89 -5.90
C VAL B 176 19.31 27.40 -4.44
N LYS B 177 18.21 26.82 -3.95
CA LYS B 177 18.23 26.28 -2.58
C LYS B 177 18.99 24.96 -2.52
N HIS B 178 18.60 24.01 -3.37
CA HIS B 178 19.16 22.66 -3.24
C HIS B 178 19.69 22.11 -4.55
N ILE B 179 20.71 21.27 -4.43
CA ILE B 179 21.35 20.67 -5.60
C ILE B 179 21.09 19.17 -5.64
N GLY B 180 20.67 18.68 -6.80
CA GLY B 180 20.55 17.24 -7.04
C GLY B 180 21.43 16.77 -8.20
N LEU B 181 21.54 15.46 -8.37
CA LEU B 181 22.32 14.88 -9.49
C LEU B 181 21.46 14.06 -10.43
N SER B 182 21.82 14.03 -11.71
CA SER B 182 21.06 13.23 -12.64
C SER B 182 21.98 12.40 -13.55
N ASN B 183 21.66 11.14 -13.75
CA ASN B 183 22.46 10.22 -14.58
C ASN B 183 23.91 10.07 -14.07
N VAL B 184 24.06 9.65 -12.82
CA VAL B 184 25.37 9.56 -12.17
C VAL B 184 25.64 8.15 -11.63
N THR B 185 26.93 7.84 -11.48
CA THR B 185 27.38 6.57 -10.90
C THR B 185 27.54 6.75 -9.41
N PRO B 186 27.68 5.65 -8.66
CA PRO B 186 27.95 5.83 -7.22
C PRO B 186 29.18 6.70 -6.92
N THR B 187 30.27 6.56 -7.66
CA THR B 187 31.51 7.31 -7.33
C THR B 187 31.32 8.80 -7.51
N GLN B 188 30.57 9.18 -8.55
CA GLN B 188 30.28 10.58 -8.81
C GLN B 188 29.43 11.21 -7.72
N VAL B 189 28.45 10.45 -7.24
CA VAL B 189 27.64 10.87 -6.10
C VAL B 189 28.55 11.14 -4.93
N ALA B 190 29.47 10.21 -4.71
CA ALA B 190 30.44 10.32 -3.65
C ALA B 190 31.31 11.57 -3.82
N GLU B 191 31.78 11.83 -5.04
CA GLU B 191 32.57 13.04 -5.30
C GLU B 191 31.74 14.30 -5.10
N ALA B 192 30.50 14.26 -5.54
CA ALA B 192 29.65 15.44 -5.48
C ALA B 192 29.37 15.81 -4.04
N ARG B 193 29.26 14.81 -3.18
CA ARG B 193 28.78 15.07 -1.83
C ARG B 193 29.84 15.72 -0.97
N LYS B 194 31.11 15.62 -1.39
CA LYS B 194 32.20 16.32 -0.71
C LYS B 194 32.22 17.80 -1.06
N ILE B 195 31.64 18.17 -2.20
CA ILE B 195 31.55 19.58 -2.62
C ILE B 195 30.28 20.26 -2.13
N ALA B 196 29.16 19.57 -2.19
CA ALA B 196 27.90 20.16 -1.77
C ALA B 196 26.92 19.09 -1.33
N GLU B 197 25.93 19.52 -0.55
CA GLU B 197 24.83 18.66 -0.16
C GLU B 197 24.05 18.29 -1.40
N ILE B 198 23.78 17.00 -1.56
CA ILE B 198 22.96 16.49 -2.64
C ILE B 198 21.69 15.96 -1.99
N VAL B 199 20.53 16.41 -2.46
CA VAL B 199 19.26 16.09 -1.83
C VAL B 199 18.46 15.01 -2.57
N CYS B 200 18.88 14.73 -3.81
CA CYS B 200 18.22 13.73 -4.62
C CYS B 200 19.13 13.29 -5.75
N VAL B 201 18.95 12.03 -6.15
CA VAL B 201 19.62 11.47 -7.32
C VAL B 201 18.56 10.99 -8.34
N GLN B 202 18.74 11.35 -9.61
CA GLN B 202 17.78 11.00 -10.64
C GLN B 202 18.39 10.13 -11.75
N ASN B 203 18.09 8.83 -11.69
CA ASN B 203 18.69 7.86 -12.61
C ASN B 203 17.69 6.94 -13.30
N GLU B 204 18.15 6.32 -14.39
CA GLU B 204 17.38 5.28 -15.05
C GLU B 204 17.25 4.08 -14.11
N TYR B 205 16.02 3.63 -13.91
CA TYR B 205 15.72 2.51 -13.01
C TYR B 205 14.27 2.13 -13.20
N ASN B 206 14.03 0.82 -13.27
CA ASN B 206 12.68 0.29 -13.23
C ASN B 206 12.74 -1.21 -12.91
N ILE B 207 11.61 -1.89 -12.99
CA ILE B 207 11.54 -3.31 -12.61
C ILE B 207 12.56 -4.18 -13.37
N ALA B 208 12.87 -3.81 -14.62
CA ALA B 208 13.81 -4.59 -15.42
C ALA B 208 15.24 -4.04 -15.49
N HIS B 209 15.51 -2.91 -14.80
CA HIS B 209 16.83 -2.25 -14.84
C HIS B 209 17.20 -1.81 -13.42
N ARG B 210 17.73 -2.74 -12.63
CA ARG B 210 17.84 -2.53 -11.20
C ARG B 210 19.29 -2.47 -10.74
N ALA B 211 20.21 -2.20 -11.66
CA ALA B 211 21.61 -2.02 -11.34
C ALA B 211 21.84 -1.06 -10.18
N ASP B 212 20.93 -0.10 -10.02
CA ASP B 212 21.12 0.90 -8.98
C ASP B 212 20.65 0.46 -7.59
N ASP B 213 20.18 -0.79 -7.47
CA ASP B 213 19.54 -1.27 -6.23
C ASP B 213 20.30 -0.95 -4.92
N ALA B 214 21.60 -1.18 -4.90
CA ALA B 214 22.40 -0.92 -3.70
C ALA B 214 22.55 0.57 -3.41
N MET B 215 22.74 1.39 -4.45
CA MET B 215 22.82 2.84 -4.26
C MET B 215 21.53 3.40 -3.65
N ILE B 216 20.38 2.88 -4.09
CA ILE B 216 19.09 3.35 -3.60
C ILE B 216 18.98 3.19 -2.08
N ASP B 217 19.36 2.01 -1.59
CA ASP B 217 19.34 1.72 -0.16
C ASP B 217 20.32 2.59 0.62
N ALA B 218 21.50 2.80 0.06
CA ALA B 218 22.52 3.63 0.69
C ALA B 218 22.06 5.10 0.74
N LEU B 219 21.49 5.58 -0.35
CA LEU B 219 20.95 6.93 -0.38
C LEU B 219 19.86 7.08 0.65
N ALA B 220 19.03 6.06 0.78
CA ALA B 220 17.91 6.08 1.72
C ALA B 220 18.41 6.23 3.15
N HIS B 221 19.51 5.55 3.47
CA HIS B 221 20.08 5.63 4.80
C HIS B 221 20.53 7.06 5.12
N ASP B 222 20.90 7.83 4.10
CA ASP B 222 21.33 9.22 4.31
C ASP B 222 20.23 10.26 4.09
N GLY B 223 18.99 9.80 3.93
CA GLY B 223 17.88 10.69 3.69
C GLY B 223 17.98 11.43 2.37
N ILE B 224 18.60 10.82 1.37
CA ILE B 224 18.67 11.40 0.04
C ILE B 224 17.69 10.71 -0.90
N ALA B 225 16.81 11.49 -1.51
CA ALA B 225 15.80 10.95 -2.42
C ALA B 225 16.44 10.30 -3.65
N TYR B 226 15.72 9.34 -4.23
CA TYR B 226 16.11 8.69 -5.49
C TYR B 226 14.92 8.82 -6.43
N VAL B 227 15.18 9.22 -7.67
CA VAL B 227 14.08 9.52 -8.59
C VAL B 227 14.29 8.74 -9.88
N PRO B 228 13.55 7.63 -10.03
CA PRO B 228 13.75 6.78 -11.20
C PRO B 228 13.08 7.38 -12.42
N PHE B 229 13.64 7.18 -13.61
CA PHE B 229 12.89 7.46 -14.83
C PHE B 229 12.90 6.28 -15.81
N PHE B 230 12.07 6.40 -16.85
CA PHE B 230 11.69 5.29 -17.73
C PHE B 230 11.12 4.15 -16.88
N PRO B 231 9.93 4.34 -16.30
CA PRO B 231 9.29 3.33 -15.45
C PRO B 231 8.80 2.09 -16.24
N LEU B 232 8.57 2.23 -17.54
CA LEU B 232 8.09 1.12 -18.36
C LEU B 232 8.99 0.85 -19.57
N GLY B 233 10.12 1.54 -19.69
CA GLY B 233 10.93 1.42 -20.88
C GLY B 233 11.91 0.24 -20.91
N GLY B 234 12.28 -0.19 -22.12
CA GLY B 234 13.29 -1.21 -22.31
C GLY B 234 12.94 -2.59 -21.81
N PHE B 235 11.65 -2.94 -21.87
CA PHE B 235 11.18 -4.26 -21.47
C PHE B 235 11.23 -5.20 -22.65
N THR B 236 11.62 -6.44 -22.42
CA THR B 236 11.59 -7.46 -23.47
C THR B 236 10.17 -7.99 -23.57
N PRO B 237 9.84 -8.70 -24.67
CA PRO B 237 8.53 -9.36 -24.80
C PRO B 237 8.11 -10.10 -23.53
N LEU B 238 8.97 -10.98 -23.02
CA LEU B 238 8.61 -11.82 -21.88
C LEU B 238 8.46 -11.00 -20.61
N GLN B 239 9.40 -10.09 -20.39
CA GLN B 239 9.33 -9.19 -19.25
C GLN B 239 8.01 -8.42 -19.27
N SER B 240 7.63 -7.95 -20.46
CA SER B 240 6.45 -7.13 -20.62
C SER B 240 5.17 -7.95 -20.43
N SER B 241 5.18 -9.20 -20.90
CA SER B 241 4.02 -10.09 -20.76
C SER B 241 3.83 -10.50 -19.29
N THR B 242 4.91 -10.78 -18.59
CA THR B 242 4.83 -10.98 -17.14
C THR B 242 4.17 -9.79 -16.41
N LEU B 243 4.59 -8.57 -16.73
CA LEU B 243 3.99 -7.40 -16.12
C LEU B 243 2.51 -7.34 -16.47
N SER B 244 2.18 -7.60 -17.73
CA SER B 244 0.78 -7.66 -18.17
C SER B 244 -0.04 -8.62 -17.32
N ASP B 245 0.49 -9.83 -17.13
CA ASP B 245 -0.19 -10.87 -16.35
C ASP B 245 -0.46 -10.40 -14.92
N VAL B 246 0.55 -9.82 -14.28
CA VAL B 246 0.37 -9.29 -12.93
C VAL B 246 -0.72 -8.21 -12.92
N ALA B 247 -0.62 -7.22 -13.80
CA ALA B 247 -1.67 -6.21 -13.96
C ALA B 247 -3.09 -6.80 -14.03
N ALA B 248 -3.30 -7.74 -14.95
CA ALA B 248 -4.61 -8.38 -15.13
C ALA B 248 -5.16 -8.94 -13.83
N SER B 249 -4.33 -9.67 -13.11
CA SER B 249 -4.74 -10.34 -11.88
C SER B 249 -5.14 -9.38 -10.78
N LEU B 250 -4.61 -8.17 -10.85
CA LEU B 250 -4.91 -7.17 -9.84
C LEU B 250 -6.02 -6.22 -10.27
N GLY B 251 -6.42 -6.30 -11.54
CA GLY B 251 -7.40 -5.37 -12.08
C GLY B 251 -6.77 -4.01 -12.30
N ALA B 252 -5.50 -4.01 -12.68
CA ALA B 252 -4.74 -2.76 -12.82
C ALA B 252 -4.10 -2.67 -14.18
N THR B 253 -3.46 -1.54 -14.44
CA THR B 253 -2.74 -1.39 -15.69
C THR B 253 -1.24 -1.67 -15.43
N PRO B 254 -0.49 -2.06 -16.48
CA PRO B 254 0.98 -2.19 -16.30
C PRO B 254 1.65 -0.94 -15.70
N MET B 255 1.24 0.25 -16.14
CA MET B 255 1.82 1.49 -15.61
C MET B 255 1.62 1.57 -14.10
N GLN B 256 0.39 1.28 -13.66
CA GLN B 256 0.05 1.32 -12.25
C GLN B 256 0.90 0.37 -11.44
N VAL B 257 1.13 -0.83 -11.97
CA VAL B 257 1.91 -1.84 -11.28
C VAL B 257 3.36 -1.35 -11.19
N ALA B 258 3.89 -0.88 -12.31
CA ALA B 258 5.24 -0.32 -12.33
C ALA B 258 5.41 0.77 -11.28
N LEU B 259 4.45 1.69 -11.16
CA LEU B 259 4.53 2.78 -10.17
C LEU B 259 4.39 2.26 -8.73
N ALA B 260 3.41 1.39 -8.50
CA ALA B 260 3.20 0.82 -7.17
C ALA B 260 4.41 -0.01 -6.73
N TRP B 261 5.06 -0.68 -7.67
CA TRP B 261 6.26 -1.44 -7.34
C TRP B 261 7.37 -0.47 -6.90
N LEU B 262 7.47 0.68 -7.56
CA LEU B 262 8.48 1.64 -7.17
C LEU B 262 8.19 2.20 -5.80
N LEU B 263 6.93 2.47 -5.51
CA LEU B 263 6.59 3.07 -4.22
C LEU B 263 7.01 2.18 -3.05
N GLN B 264 6.73 0.88 -3.16
CA GLN B 264 7.04 -0.06 -2.07
C GLN B 264 8.52 -0.49 -2.05
N ARG B 265 9.24 -0.23 -3.14
CA ARG B 265 10.64 -0.66 -3.24
C ARG B 265 11.54 0.06 -2.21
N SER B 266 11.31 1.35 -1.98
CA SER B 266 12.10 2.10 -1.02
C SER B 266 11.39 3.40 -0.64
N PRO B 267 11.43 3.75 0.64
CA PRO B 267 10.70 4.94 1.10
C PRO B 267 11.29 6.27 0.61
N ASN B 268 12.50 6.25 0.03
CA ASN B 268 13.11 7.46 -0.53
C ASN B 268 12.91 7.61 -2.05
N ILE B 269 12.11 6.74 -2.65
CA ILE B 269 11.83 6.82 -4.07
C ILE B 269 10.71 7.83 -4.35
N LEU B 270 11.00 8.77 -5.25
CA LEU B 270 10.02 9.75 -5.69
C LEU B 270 9.67 9.47 -7.14
N LEU B 271 8.37 9.38 -7.43
CA LEU B 271 7.93 9.07 -8.78
C LEU B 271 7.56 10.35 -9.53
N ILE B 272 8.01 10.44 -10.79
CA ILE B 272 7.64 11.58 -11.62
C ILE B 272 7.13 11.17 -13.01
N PRO B 273 6.08 10.33 -13.07
CA PRO B 273 5.63 9.91 -14.41
C PRO B 273 5.06 11.08 -15.22
N GLY B 274 5.46 11.20 -16.48
CA GLY B 274 4.93 12.21 -17.37
C GLY B 274 3.77 11.72 -18.24
N THR B 275 2.80 12.61 -18.49
CA THR B 275 1.70 12.31 -19.37
C THR B 275 1.12 13.61 -19.93
N SER B 276 0.65 13.56 -21.18
CA SER B 276 -0.06 14.69 -21.78
C SER B 276 -1.57 14.42 -21.80
N SER B 277 -2.02 13.51 -20.94
CA SER B 277 -3.39 13.05 -20.95
C SER B 277 -3.99 12.97 -19.56
N VAL B 278 -5.12 13.65 -19.37
CA VAL B 278 -5.80 13.68 -18.07
C VAL B 278 -6.19 12.28 -17.58
N ALA B 279 -6.60 11.39 -18.48
CA ALA B 279 -6.99 10.03 -18.09
C ALA B 279 -5.82 9.28 -17.46
N HIS B 280 -4.68 9.31 -18.15
CA HIS B 280 -3.48 8.62 -17.66
C HIS B 280 -2.99 9.22 -16.35
N LEU B 281 -3.09 10.55 -16.27
CA LEU B 281 -2.73 11.26 -15.08
C LEU B 281 -3.51 10.67 -13.92
N ARG B 282 -4.82 10.54 -14.08
CA ARG B 282 -5.66 9.99 -13.02
C ARG B 282 -5.34 8.54 -12.69
N GLU B 283 -5.14 7.73 -13.74
CA GLU B 283 -4.67 6.35 -13.58
C GLU B 283 -3.37 6.27 -12.76
N ASN B 284 -2.40 7.10 -13.12
CA ASN B 284 -1.12 7.11 -12.41
C ASN B 284 -1.29 7.42 -10.94
N MET B 285 -2.12 8.43 -10.64
CA MET B 285 -2.35 8.82 -9.25
C MET B 285 -3.12 7.72 -8.51
N ALA B 286 -3.91 6.92 -9.23
CA ALA B 286 -4.64 5.80 -8.62
C ALA B 286 -3.71 4.64 -8.19
N ALA B 287 -2.51 4.59 -8.75
CA ALA B 287 -1.50 3.60 -8.33
C ALA B 287 -1.20 3.56 -6.82
N GLU B 288 -1.43 4.68 -6.12
CA GLU B 288 -1.39 4.74 -4.65
C GLU B 288 -2.12 3.60 -4.00
N LYS B 289 -3.22 3.21 -4.63
CA LYS B 289 -4.19 2.31 -4.03
C LYS B 289 -3.83 0.82 -4.17
N LEU B 290 -2.87 0.47 -5.03
CA LEU B 290 -2.46 -0.92 -5.20
C LEU B 290 -1.65 -1.48 -4.02
N HIS B 291 -2.06 -2.63 -3.51
CA HIS B 291 -1.33 -3.33 -2.44
C HIS B 291 -0.70 -4.58 -3.00
N LEU B 292 0.58 -4.53 -3.32
CA LEU B 292 1.21 -5.70 -3.90
C LEU B 292 1.50 -6.72 -2.81
N SER B 293 1.17 -7.97 -3.08
CA SER B 293 1.37 -9.08 -2.15
C SER B 293 2.77 -9.64 -2.28
N GLU B 294 3.17 -10.42 -1.28
CA GLU B 294 4.42 -11.16 -1.31
C GLU B 294 4.62 -11.95 -2.61
N GLU B 295 3.58 -12.64 -3.09
CA GLU B 295 3.78 -13.48 -4.27
C GLU B 295 3.86 -12.64 -5.55
N VAL B 296 3.11 -11.55 -5.60
CA VAL B 296 3.25 -10.63 -6.70
C VAL B 296 4.66 -10.01 -6.73
N LEU B 297 5.14 -9.57 -5.56
CA LEU B 297 6.47 -8.97 -5.48
C LEU B 297 7.52 -9.95 -5.95
N SER B 298 7.33 -11.19 -5.55
CA SER B 298 8.24 -12.28 -5.94
C SER B 298 8.24 -12.48 -7.47
N THR B 299 7.06 -12.45 -8.07
CA THR B 299 6.94 -12.53 -9.52
C THR B 299 7.67 -11.34 -10.19
N LEU B 300 7.41 -10.13 -9.71
CA LEU B 300 7.99 -8.95 -10.33
C LEU B 300 9.53 -8.96 -10.25
N ASP B 301 10.09 -9.55 -9.20
CA ASP B 301 11.55 -9.76 -9.13
C ASP B 301 12.11 -10.66 -10.24
N GLY B 302 11.39 -11.71 -10.59
CA GLY B 302 11.86 -12.60 -11.62
C GLY B 302 12.06 -11.88 -12.95
N ILE B 303 11.34 -10.78 -13.15
CA ILE B 303 11.38 -10.03 -14.40
C ILE B 303 12.83 -9.59 -14.77
N SER B 304 13.66 -9.32 -13.77
CA SER B 304 15.05 -8.97 -14.07
C SER B 304 15.98 -10.14 -13.81
N ARG B 305 15.52 -11.13 -13.03
CA ARG B 305 16.38 -12.22 -12.54
C ARG B 305 16.20 -13.57 -13.25
N GLU B 306 15.18 -13.69 -14.07
CA GLU B 306 14.85 -15.00 -14.66
C GLU B 306 14.25 -14.87 -16.06
PA NAP C . -19.39 -18.95 14.06
O1A NAP C . -17.99 -19.37 14.38
O2A NAP C . -19.53 -18.71 12.60
O5B NAP C . -20.44 -20.05 14.63
C5B NAP C . -19.99 -21.13 15.42
C4B NAP C . -21.08 -22.18 15.50
O4B NAP C . -21.56 -22.45 14.20
C3B NAP C . -20.58 -23.49 16.08
O3B NAP C . -21.47 -23.91 17.08
C2B NAP C . -20.58 -24.47 14.92
O2B NAP C . -20.97 -25.73 15.36
C1B NAP C . -21.59 -23.84 13.97
N9A NAP C . -21.30 -24.13 12.56
C8A NAP C . -20.19 -23.79 11.83
N7A NAP C . -20.35 -24.25 10.56
C5A NAP C . -21.56 -24.88 10.48
C6A NAP C . -22.23 -25.53 9.43
N6A NAP C . -21.73 -25.63 8.21
N1A NAP C . -23.48 -26.06 9.69
C2A NAP C . -24.06 -25.97 10.95
N3A NAP C . -23.37 -25.34 11.97
C4A NAP C . -22.15 -24.79 11.73
O3 NAP C . -19.75 -17.60 14.88
PN NAP C . -18.86 -16.27 15.11
O1N NAP C . -19.06 -15.41 13.92
O2N NAP C . -19.14 -15.72 16.46
O5D NAP C . -17.31 -16.78 15.00
C5D NAP C . -16.56 -16.69 13.80
C4D NAP C . -15.10 -16.36 14.12
O4D NAP C . -14.98 -14.98 14.40
C3D NAP C . -14.63 -17.07 15.39
O3D NAP C . -14.00 -18.31 15.13
C2D NAP C . -13.67 -16.09 16.06
O2D NAP C . -12.32 -16.34 15.71
C1D NAP C . -14.15 -14.73 15.53
N1N NAP C . -14.85 -13.96 16.60
C2N NAP C . -14.25 -12.85 17.12
C3N NAP C . -14.85 -12.08 18.11
C7N NAP C . -14.35 -10.66 18.21
O7N NAP C . -15.07 -9.68 18.94
N7N NAP C . -13.21 -10.37 17.58
C4N NAP C . -16.10 -12.46 18.60
C5N NAP C . -16.72 -13.60 18.08
C6N NAP C . -16.09 -14.33 17.08
P2B NAP C . -19.99 -26.94 15.02
O1X NAP C . -18.67 -26.67 15.71
O2X NAP C . -20.55 -28.22 15.56
O3X NAP C . -19.81 -27.03 13.53
MG MG D . -16.96 -19.16 15.87
PA NAP E . 7.57 8.58 -18.84
O1A NAP E . 7.36 10.07 -18.94
O2A NAP E . 7.06 8.09 -17.51
O5B NAP E . 6.76 7.94 -20.11
C5B NAP E . 6.31 8.80 -21.14
C4B NAP E . 5.23 8.14 -22.00
O4B NAP E . 4.40 7.34 -21.20
C3B NAP E . 4.33 9.17 -22.68
O3B NAP E . 4.30 8.90 -24.07
C2B NAP E . 2.96 8.97 -22.09
O2B NAP E . 1.98 9.06 -23.09
C1B NAP E . 3.04 7.56 -21.53
N9A NAP E . 2.17 7.32 -20.37
C8A NAP E . 2.20 8.00 -19.17
N7A NAP E . 1.25 7.47 -18.36
C5A NAP E . 0.63 6.45 -19.00
C6A NAP E . -0.41 5.59 -18.64
N6A NAP E . -0.97 5.68 -17.42
N1A NAP E . -0.85 4.64 -19.52
C2A NAP E . -0.28 4.55 -20.78
N3A NAP E . 0.75 5.41 -21.14
C4A NAP E . 1.19 6.35 -20.27
O3 NAP E . 9.14 8.26 -19.01
PN NAP E . 10.32 9.03 -18.24
O1N NAP E . 10.80 8.23 -17.10
O2N NAP E . 11.35 9.34 -19.28
O5D NAP E . 9.57 10.34 -17.63
C5D NAP E . 9.47 10.60 -16.24
C4D NAP E . 10.00 12.02 -15.99
O4D NAP E . 11.41 11.93 -15.79
C3D NAP E . 9.85 12.95 -17.21
O3D NAP E . 8.65 13.68 -17.24
C2D NAP E . 11.04 13.89 -17.10
O2D NAP E . 10.66 15.10 -16.44
C1D NAP E . 12.07 13.09 -16.30
N1N NAP E . 13.25 12.69 -17.12
C2N NAP E . 14.46 13.23 -16.83
C3N NAP E . 15.60 12.89 -17.55
C7N NAP E . 16.94 13.17 -16.93
O7N NAP E . 17.86 12.12 -16.73
N7N NAP E . 17.26 14.42 -16.58
C4N NAP E . 15.47 11.97 -18.61
C5N NAP E . 14.24 11.42 -18.90
C6N NAP E . 13.13 11.79 -18.14
P2B NAP E . 0.67 9.93 -22.77
O1X NAP E . 1.08 11.38 -22.75
O2X NAP E . -0.33 9.71 -23.87
O3X NAP E . 0.07 9.52 -21.44
MG MG F . 8.08 11.72 -19.78
#